data_1VZD
#
_entry.id   1VZD
#
_cell.length_a   78.500
_cell.length_b   78.500
_cell.length_c   230.600
_cell.angle_alpha   90.00
_cell.angle_beta   90.00
_cell.angle_gamma   120.00
#
_symmetry.space_group_name_H-M   'P 61 2 2'
#
loop_
_entity.id
_entity.type
_entity.pdbx_description
1 polymer 'THYMIDYLATE SYNTHASE'
2 non-polymer "5-FLUORO-2'-DEOXYURIDINE-5'-MONOPHOSPHATE"
3 non-polymer '10-PROPARGYL-5,8-DIDEAZAFOLIC ACID'
4 water water
#
_entity_poly.entity_id   1
_entity_poly.type   'polypeptide(L)'
_entity_poly.pdbx_seq_one_letter_code
;MLEQPYLDLAKKVLDEGHFKPDRTHTGTYSIFGHQMRFDLSKGFPLLTTKKVPFGLIKSQLLWFLHGDTNIRFLLQHRNH
IWDEWAFEKWVKSDEYHGPDMTDFGHRSQKAPEFAAVYHEEMAKFDDRVLHDDAFAAKYGDLGLVYGSQWRAWHTSKGDT
IDQLGDVIEQIKTHPYSRRLIVSAWNPEDVPTMALPPCHTLYQFYVNDGKLSLQLYQRSADIFLGVPFNIASYALLTHLV
AHECGLEVGEFIHTFGDAHLYVNHLDQIKEQLSRTPRPAPTLQLNPDKHDIFDFDMKDIKLLNYDPYPAIKAPVAV
;
_entity_poly.pdbx_strand_id   A
#
# COMPACT_ATOMS: atom_id res chain seq x y z
N MET A 1 -14.24 -1.82 -19.30
CA MET A 1 -13.01 -2.56 -19.06
C MET A 1 -12.62 -2.14 -17.62
N LEU A 2 -11.98 -2.94 -16.75
CA LEU A 2 -11.87 -2.49 -15.39
C LEU A 2 -10.79 -1.47 -15.12
N GLU A 3 -9.78 -1.26 -15.94
CA GLU A 3 -8.83 -0.30 -15.44
C GLU A 3 -8.69 1.07 -16.07
N GLN A 4 -9.72 1.39 -16.86
CA GLN A 4 -9.73 2.65 -17.60
C GLN A 4 -9.87 3.86 -16.69
N PRO A 5 -10.68 3.91 -15.61
CA PRO A 5 -10.38 4.52 -14.31
C PRO A 5 -8.97 5.10 -14.08
N TYR A 6 -7.95 4.25 -13.94
CA TYR A 6 -6.60 4.71 -13.78
C TYR A 6 -6.22 5.54 -14.99
N LEU A 7 -6.41 5.07 -16.19
CA LEU A 7 -5.89 5.77 -17.34
C LEU A 7 -6.62 7.08 -17.57
N ASP A 8 -7.86 7.25 -17.11
CA ASP A 8 -8.49 8.55 -17.19
C ASP A 8 -8.10 9.40 -15.95
N LEU A 9 -7.65 8.85 -14.82
CA LEU A 9 -7.12 9.67 -13.73
C LEU A 9 -5.76 10.23 -14.15
N ALA A 10 -4.90 9.33 -14.61
CA ALA A 10 -3.56 9.65 -15.01
C ALA A 10 -3.67 10.52 -16.24
N LYS A 11 -4.61 10.32 -17.18
CA LYS A 11 -4.68 11.23 -18.32
C LYS A 11 -5.04 12.63 -17.85
N LYS A 12 -6.12 12.71 -17.05
CA LYS A 12 -6.63 13.97 -16.60
C LYS A 12 -5.61 14.74 -15.82
N VAL A 13 -4.76 14.18 -14.94
CA VAL A 13 -3.68 14.92 -14.30
C VAL A 13 -2.80 15.61 -15.37
N LEU A 14 -2.09 14.95 -16.34
CA LEU A 14 -1.16 15.63 -17.24
C LEU A 14 -1.78 16.56 -18.28
N ASP A 15 -3.10 16.43 -18.32
CA ASP A 15 -3.94 17.35 -19.02
C ASP A 15 -4.33 18.35 -17.91
N GLU A 16 -5.41 18.30 -17.13
CA GLU A 16 -5.88 19.34 -16.18
C GLU A 16 -4.97 19.81 -15.08
N GLY A 17 -4.00 18.95 -14.77
CA GLY A 17 -3.13 19.13 -13.61
C GLY A 17 -2.47 20.47 -13.70
N HIS A 18 -2.28 21.01 -12.51
CA HIS A 18 -1.57 22.26 -12.41
C HIS A 18 -0.32 22.07 -11.51
N PHE A 19 0.79 22.76 -11.74
CA PHE A 19 2.03 22.48 -10.99
C PHE A 19 2.06 23.07 -9.60
N LYS A 20 2.73 22.21 -8.80
CA LYS A 20 3.02 22.38 -7.39
C LYS A 20 4.41 21.82 -7.11
N PRO A 21 5.37 22.52 -6.49
CA PRO A 21 6.37 21.94 -5.54
C PRO A 21 5.90 20.98 -4.46
N ASP A 22 6.80 20.04 -4.19
CA ASP A 22 6.57 19.05 -3.16
C ASP A 22 7.65 18.98 -2.04
N ARG A 23 7.58 17.90 -1.23
CA ARG A 23 8.38 17.70 -0.01
C ARG A 23 9.65 16.85 -0.12
N THR A 24 10.12 17.26 -1.27
CA THR A 24 11.29 16.79 -1.93
C THR A 24 11.49 17.93 -2.96
N HIS A 25 12.15 17.51 -4.05
CA HIS A 25 12.44 18.40 -5.14
C HIS A 25 11.25 18.30 -6.11
N THR A 26 11.33 17.26 -6.97
CA THR A 26 10.50 17.15 -8.16
C THR A 26 8.96 17.44 -8.09
N GLY A 27 8.73 18.42 -8.96
CA GLY A 27 7.39 18.96 -9.13
C GLY A 27 6.29 17.95 -9.36
N THR A 28 5.11 18.41 -9.11
CA THR A 28 4.04 17.49 -9.22
C THR A 28 3.05 18.23 -10.08
N TYR A 29 2.11 17.44 -10.54
CA TYR A 29 1.04 17.93 -11.39
C TYR A 29 -0.02 17.26 -10.60
N SER A 30 -0.89 18.14 -10.14
CA SER A 30 -1.92 17.65 -9.27
C SER A 30 -3.32 18.17 -9.43
N ILE A 31 -4.12 17.15 -9.20
CA ILE A 31 -5.53 17.32 -9.16
C ILE A 31 -5.72 17.13 -7.69
N PHE A 32 -6.82 17.68 -7.31
CA PHE A 32 -7.30 17.50 -5.98
C PHE A 32 -8.73 17.06 -6.12
N GLY A 33 -9.08 15.87 -5.63
CA GLY A 33 -10.45 15.39 -5.74
C GLY A 33 -10.68 14.44 -6.94
N HIS A 34 -10.94 13.16 -6.60
CA HIS A 34 -11.34 12.10 -7.53
C HIS A 34 -11.93 10.92 -6.76
N GLN A 35 -12.96 10.46 -7.44
CA GLN A 35 -13.58 9.26 -7.04
C GLN A 35 -13.16 8.43 -8.23
N MET A 36 -12.56 7.29 -7.98
CA MET A 36 -12.33 6.31 -9.04
C MET A 36 -13.15 5.10 -8.62
N ARG A 37 -13.83 4.39 -9.53
CA ARG A 37 -14.65 3.24 -9.06
C ARG A 37 -14.38 1.94 -9.82
N PHE A 38 -14.30 0.76 -9.23
CA PHE A 38 -14.10 -0.47 -9.97
C PHE A 38 -15.25 -1.41 -9.56
N ASP A 39 -15.75 -2.25 -10.50
CA ASP A 39 -16.85 -3.22 -10.25
C ASP A 39 -16.18 -4.56 -10.09
N LEU A 40 -16.08 -4.92 -8.80
CA LEU A 40 -15.32 -6.07 -8.44
C LEU A 40 -15.98 -7.35 -8.91
N SER A 41 -17.28 -7.35 -9.22
CA SER A 41 -17.99 -8.51 -9.77
C SER A 41 -17.29 -9.15 -10.98
N LYS A 42 -16.69 -8.28 -11.79
CA LYS A 42 -16.13 -8.74 -13.02
C LYS A 42 -14.64 -8.50 -13.01
N GLY A 43 -13.96 -8.62 -11.87
CA GLY A 43 -12.54 -8.42 -11.92
C GLY A 43 -11.74 -8.35 -10.64
N PHE A 44 -10.57 -7.82 -10.94
CA PHE A 44 -9.64 -7.55 -9.93
C PHE A 44 -8.66 -6.63 -10.65
N PRO A 45 -8.78 -5.31 -10.46
CA PRO A 45 -8.10 -4.28 -11.26
C PRO A 45 -6.62 -4.35 -11.07
N LEU A 46 -5.86 -5.34 -11.52
CA LEU A 46 -4.42 -5.24 -11.45
C LEU A 46 -4.12 -4.85 -12.90
N LEU A 47 -3.27 -3.86 -13.07
CA LEU A 47 -3.13 -3.28 -14.37
C LEU A 47 -2.62 -4.26 -15.40
N THR A 48 -3.36 -4.38 -16.48
CA THR A 48 -2.84 -5.20 -17.54
C THR A 48 -1.92 -4.44 -18.45
N THR A 49 -2.09 -3.10 -18.58
CA THR A 49 -1.18 -2.18 -19.24
C THR A 49 0.15 -1.88 -18.54
N LYS A 50 0.59 -2.56 -17.49
CA LYS A 50 1.93 -2.45 -16.89
C LYS A 50 2.06 -3.54 -15.83
N LYS A 51 3.12 -4.33 -15.87
CA LYS A 51 3.31 -5.29 -14.84
C LYS A 51 3.57 -4.46 -13.61
N VAL A 52 2.75 -4.96 -12.68
CA VAL A 52 2.63 -4.60 -11.27
C VAL A 52 2.71 -6.01 -10.62
N PRO A 53 3.30 -6.20 -9.45
CA PRO A 53 3.52 -7.56 -8.99
C PRO A 53 2.81 -7.98 -7.74
N PHE A 54 1.76 -8.79 -8.02
CA PHE A 54 0.83 -9.28 -6.98
C PHE A 54 1.46 -9.86 -5.72
N GLY A 55 2.56 -10.59 -5.84
CA GLY A 55 3.33 -11.19 -4.77
C GLY A 55 3.69 -10.19 -3.69
N LEU A 56 4.33 -9.08 -4.01
CA LEU A 56 4.65 -8.09 -2.99
C LEU A 56 3.39 -7.38 -2.43
N ILE A 57 2.32 -7.41 -3.19
CA ILE A 57 1.10 -6.77 -2.76
C ILE A 57 0.38 -7.64 -1.74
N LYS A 58 0.41 -8.93 -1.96
CA LYS A 58 -0.19 -9.88 -1.06
C LYS A 58 0.61 -9.80 0.24
N SER A 59 1.94 -9.98 0.19
CA SER A 59 2.75 -10.02 1.39
C SER A 59 2.46 -8.84 2.28
N GLN A 60 2.50 -7.66 1.67
CA GLN A 60 2.37 -6.41 2.38
C GLN A 60 1.02 -6.40 3.03
N LEU A 61 -0.06 -6.77 2.28
CA LEU A 61 -1.41 -6.76 2.88
C LEU A 61 -1.38 -7.71 4.07
N LEU A 62 -1.08 -8.98 3.86
CA LEU A 62 -1.04 -9.97 4.88
C LEU A 62 -0.29 -9.55 6.16
N TRP A 63 0.64 -8.60 6.03
CA TRP A 63 1.50 -8.17 7.12
C TRP A 63 0.69 -7.29 7.99
N PHE A 64 -0.04 -6.47 7.26
CA PHE A 64 -0.95 -5.52 7.79
C PHE A 64 -2.07 -6.28 8.46
N LEU A 65 -2.53 -7.37 7.82
CA LEU A 65 -3.76 -8.00 8.25
C LEU A 65 -3.62 -8.94 9.41
N HIS A 66 -2.43 -8.93 10.06
CA HIS A 66 -2.29 -9.67 11.30
C HIS A 66 -1.29 -9.16 12.35
N GLY A 67 -1.56 -7.93 12.71
CA GLY A 67 -0.86 -7.19 13.74
C GLY A 67 0.37 -6.43 13.33
N ASP A 68 1.21 -7.02 12.48
CA ASP A 68 2.58 -6.54 12.35
C ASP A 68 3.07 -5.12 12.03
N THR A 69 3.99 -4.70 12.85
CA THR A 69 4.68 -3.48 12.62
C THR A 69 6.13 -3.93 12.36
N ASN A 70 6.48 -5.23 12.09
CA ASN A 70 7.88 -5.59 12.01
C ASN A 70 8.19 -6.11 10.64
N ILE A 71 9.20 -5.48 10.00
CA ILE A 71 9.60 -5.92 8.68
C ILE A 71 10.23 -7.31 8.67
N ARG A 72 10.64 -8.00 9.75
CA ARG A 72 11.16 -9.38 9.58
C ARG A 72 10.17 -10.30 8.87
N PHE A 73 8.82 -10.23 8.88
CA PHE A 73 8.02 -11.04 7.97
C PHE A 73 8.18 -10.51 6.53
N LEU A 74 8.24 -9.21 6.30
CA LEU A 74 8.34 -8.67 4.95
C LEU A 74 9.63 -9.07 4.22
N LEU A 75 10.73 -9.10 4.99
CA LEU A 75 12.07 -9.49 4.52
C LEU A 75 12.18 -10.94 4.15
N GLN A 76 11.49 -11.75 4.95
CA GLN A 76 11.54 -13.19 4.76
C GLN A 76 10.57 -13.81 3.79
N HIS A 77 9.85 -12.84 3.18
CA HIS A 77 8.91 -12.96 2.07
C HIS A 77 9.38 -12.20 0.82
N ARG A 78 10.71 -12.08 0.63
CA ARG A 78 11.37 -11.33 -0.41
C ARG A 78 10.79 -9.96 -0.88
N ASN A 79 10.13 -9.32 0.07
CA ASN A 79 9.51 -8.04 -0.17
C ASN A 79 10.33 -6.96 0.52
N HIS A 80 10.80 -5.84 -0.05
CA HIS A 80 11.54 -4.87 0.78
C HIS A 80 11.02 -3.38 0.55
N ILE A 81 9.71 -3.22 0.27
CA ILE A 81 9.03 -1.92 0.07
C ILE A 81 9.13 -0.98 1.26
N TRP A 82 9.07 -1.50 2.50
CA TRP A 82 9.16 -0.76 3.77
C TRP A 82 10.52 -0.86 4.48
N ASP A 83 11.47 -1.40 3.73
CA ASP A 83 12.84 -1.65 4.16
C ASP A 83 13.60 -0.39 4.59
N GLU A 84 13.57 0.71 3.84
CA GLU A 84 14.55 1.76 4.13
C GLU A 84 14.31 2.62 5.37
N TRP A 85 13.04 2.96 5.75
CA TRP A 85 12.74 3.79 6.95
C TRP A 85 13.41 3.14 8.22
N ALA A 86 13.56 1.79 8.22
CA ALA A 86 14.24 0.96 9.23
C ALA A 86 15.77 1.20 9.38
N PHE A 87 16.27 1.57 8.20
CA PHE A 87 17.64 2.00 7.95
C PHE A 87 17.74 3.47 8.27
N GLU A 88 16.73 4.31 8.16
CA GLU A 88 16.86 5.73 8.51
C GLU A 88 16.85 5.85 10.01
N LYS A 89 15.99 5.07 10.65
CA LYS A 89 15.96 4.97 12.12
C LYS A 89 17.18 4.26 12.74
N TRP A 90 18.15 3.91 11.86
CA TRP A 90 19.39 3.26 12.30
C TRP A 90 20.68 3.84 11.81
N VAL A 91 20.87 4.14 10.50
CA VAL A 91 22.03 4.84 9.95
C VAL A 91 22.48 5.99 10.82
N LYS A 92 21.47 6.67 11.28
CA LYS A 92 21.55 7.74 12.25
C LYS A 92 22.15 7.44 13.65
N SER A 93 22.25 6.21 14.18
CA SER A 93 22.38 6.05 15.63
C SER A 93 22.96 4.80 16.28
N ASP A 94 23.45 5.34 17.42
CA ASP A 94 24.26 4.72 18.47
C ASP A 94 24.57 3.20 18.43
N GLU A 95 23.89 2.19 17.81
CA GLU A 95 24.64 0.96 17.55
C GLU A 95 25.45 1.29 16.28
N TYR A 96 24.83 1.78 15.19
CA TYR A 96 25.55 2.08 13.96
C TYR A 96 26.16 3.44 14.03
N HIS A 97 27.31 3.04 13.47
CA HIS A 97 28.44 3.87 13.30
C HIS A 97 29.12 2.95 12.27
N GLY A 98 29.29 3.56 11.12
CA GLY A 98 29.78 2.90 9.93
C GLY A 98 29.81 3.99 8.85
N PRO A 99 29.75 3.67 7.56
CA PRO A 99 29.57 4.65 6.50
C PRO A 99 28.75 5.96 6.68
N ASP A 100 29.34 6.78 5.80
CA ASP A 100 28.93 8.09 5.41
C ASP A 100 27.43 8.27 5.57
N MET A 101 26.79 7.33 4.83
CA MET A 101 25.37 7.00 4.77
C MET A 101 24.31 7.87 5.44
N THR A 102 24.49 8.95 6.17
CA THR A 102 23.38 9.58 6.82
C THR A 102 23.04 10.60 5.73
N ASP A 103 21.96 10.00 5.23
CA ASP A 103 21.15 10.25 4.08
C ASP A 103 21.99 9.49 3.04
N PHE A 104 21.08 8.71 2.47
CA PHE A 104 21.35 7.63 1.53
C PHE A 104 20.21 7.65 0.52
N GLY A 105 19.88 6.56 -0.19
CA GLY A 105 18.62 6.42 -0.94
C GLY A 105 18.39 7.41 -2.11
N HIS A 106 17.77 8.60 -1.89
CA HIS A 106 17.64 9.68 -2.90
C HIS A 106 18.99 9.81 -3.61
N ARG A 107 20.08 9.81 -2.76
CA ARG A 107 21.43 9.94 -3.30
C ARG A 107 22.03 8.53 -3.53
N SER A 108 21.17 7.76 -4.21
CA SER A 108 21.43 6.38 -4.56
C SER A 108 20.51 5.96 -5.75
N GLN A 109 19.41 6.78 -5.94
CA GLN A 109 18.47 6.77 -7.09
C GLN A 109 19.31 7.30 -8.29
N LYS A 110 20.33 8.11 -7.86
CA LYS A 110 21.53 8.61 -8.59
C LYS A 110 22.31 8.85 -7.28
N ALA A 111 23.48 8.18 -7.28
CA ALA A 111 24.43 7.99 -6.16
C ALA A 111 25.83 8.53 -6.51
N PRO A 112 26.91 8.44 -5.69
CA PRO A 112 28.33 8.42 -6.16
C PRO A 112 28.76 6.96 -6.45
N GLU A 113 29.56 6.44 -5.43
CA GLU A 113 29.94 5.03 -5.23
C GLU A 113 28.80 4.34 -4.49
N PHE A 114 27.95 5.20 -3.90
CA PHE A 114 26.87 4.81 -3.02
C PHE A 114 26.24 3.46 -3.14
N ALA A 115 25.71 3.04 -4.29
CA ALA A 115 25.35 1.65 -4.51
C ALA A 115 26.07 0.53 -3.70
N ALA A 116 27.38 0.24 -3.78
CA ALA A 116 27.94 -0.83 -2.95
C ALA A 116 27.86 -0.50 -1.46
N VAL A 117 27.32 0.60 -0.91
CA VAL A 117 27.28 0.80 0.55
C VAL A 117 25.80 0.78 0.81
N TYR A 118 24.97 1.69 0.22
CA TYR A 118 23.52 1.82 0.52
C TYR A 118 22.88 0.48 0.29
N HIS A 119 23.38 -0.17 -0.79
CA HIS A 119 22.94 -1.52 -0.99
C HIS A 119 23.80 -2.42 -0.03
N GLU A 120 25.15 -2.49 0.10
CA GLU A 120 25.82 -3.40 1.10
C GLU A 120 25.80 -3.10 2.64
N GLU A 121 25.92 -1.92 3.26
CA GLU A 121 25.69 -1.85 4.71
C GLU A 121 24.18 -2.10 4.97
N MET A 122 23.20 -1.61 4.14
CA MET A 122 21.81 -2.01 4.35
C MET A 122 21.45 -3.25 3.51
N ALA A 123 22.20 -4.23 3.95
CA ALA A 123 22.06 -5.55 3.48
C ALA A 123 22.24 -6.19 4.86
N LYS A 124 23.44 -5.95 5.41
CA LYS A 124 23.91 -6.37 6.72
C LYS A 124 22.86 -6.06 7.84
N PHE A 125 22.21 -4.90 7.62
CA PHE A 125 21.10 -4.49 8.46
C PHE A 125 19.99 -5.53 8.42
N ASP A 126 19.47 -5.78 7.20
CA ASP A 126 18.23 -6.53 6.93
C ASP A 126 18.43 -8.02 7.19
N ASP A 127 19.74 -8.33 7.31
CA ASP A 127 20.22 -9.65 7.61
C ASP A 127 20.14 -9.93 9.08
N ARG A 128 20.96 -9.23 9.85
CA ARG A 128 20.90 -9.29 11.30
C ARG A 128 19.39 -9.35 11.78
N VAL A 129 18.44 -8.57 11.19
CA VAL A 129 17.01 -8.50 11.51
C VAL A 129 16.37 -9.89 11.41
N LEU A 130 16.63 -10.54 10.30
CA LEU A 130 16.01 -11.79 10.00
C LEU A 130 16.62 -12.86 10.96
N HIS A 131 17.68 -12.58 11.73
CA HIS A 131 18.34 -13.65 12.51
C HIS A 131 18.65 -13.36 13.94
N ASP A 132 18.63 -12.08 14.22
CA ASP A 132 18.93 -11.62 15.53
C ASP A 132 17.60 -11.09 16.09
N ASP A 133 16.92 -11.78 17.04
CA ASP A 133 15.58 -11.31 17.48
C ASP A 133 15.67 -10.00 18.18
N ALA A 134 16.74 -9.86 18.95
CA ALA A 134 17.09 -8.57 19.59
C ALA A 134 17.10 -7.41 18.59
N PHE A 135 17.86 -7.63 17.52
CA PHE A 135 17.98 -6.57 16.52
C PHE A 135 16.64 -6.27 15.77
N ALA A 136 15.90 -7.35 15.38
CA ALA A 136 14.62 -7.34 14.74
C ALA A 136 13.67 -6.38 15.48
N ALA A 137 13.56 -6.70 16.78
CA ALA A 137 12.78 -5.98 17.76
C ALA A 137 13.11 -4.51 17.90
N LYS A 138 14.27 -4.12 17.44
CA LYS A 138 14.52 -2.74 17.55
C LYS A 138 14.54 -2.15 16.14
N TYR A 139 15.67 -2.22 15.44
CA TYR A 139 15.74 -1.41 14.25
C TYR A 139 14.89 -2.00 13.08
N GLY A 140 14.02 -3.00 13.28
CA GLY A 140 13.12 -3.53 12.24
C GLY A 140 11.62 -3.53 12.65
N ASP A 141 11.31 -3.06 13.85
CA ASP A 141 9.95 -3.00 14.33
C ASP A 141 9.64 -1.54 14.08
N LEU A 142 8.95 -1.21 12.98
CA LEU A 142 8.74 0.19 12.54
C LEU A 142 7.84 1.13 13.38
N GLY A 143 7.09 0.50 14.28
CA GLY A 143 6.25 1.20 15.22
C GLY A 143 4.88 1.42 14.68
N LEU A 144 4.73 2.58 14.11
CA LEU A 144 3.42 2.91 13.61
C LEU A 144 3.42 2.90 12.12
N VAL A 145 2.63 1.91 11.70
CA VAL A 145 2.35 1.62 10.31
C VAL A 145 0.96 1.04 10.31
N TYR A 146 0.40 0.98 9.12
CA TYR A 146 -0.96 0.56 8.97
C TYR A 146 -1.40 -0.63 9.78
N GLY A 147 -0.48 -1.56 9.93
CA GLY A 147 -0.69 -2.68 10.84
C GLY A 147 -1.12 -2.23 12.22
N SER A 148 -0.39 -1.38 12.95
CA SER A 148 -0.83 -0.99 14.30
C SER A 148 -1.96 0.00 14.21
N GLN A 149 -2.15 0.72 13.12
CA GLN A 149 -3.28 1.62 12.98
C GLN A 149 -4.57 0.74 12.89
N TRP A 150 -4.74 -0.17 11.96
CA TRP A 150 -5.98 -0.93 11.83
C TRP A 150 -6.27 -1.88 13.01
N ARG A 151 -5.25 -2.64 13.41
CA ARG A 151 -5.37 -3.66 14.45
C ARG A 151 -4.94 -3.20 15.86
N ALA A 152 -4.47 -1.97 16.07
CA ALA A 152 -4.00 -1.63 17.41
C ALA A 152 -4.14 -0.17 17.88
N TRP A 153 -5.24 0.55 17.66
CA TRP A 153 -5.37 1.91 18.12
C TRP A 153 -4.96 2.14 19.56
N HIS A 154 -3.83 2.82 19.84
CA HIS A 154 -3.48 3.19 21.22
C HIS A 154 -4.36 4.32 21.87
N THR A 155 -5.06 3.90 22.94
CA THR A 155 -6.05 4.69 23.63
C THR A 155 -5.63 5.39 24.93
N SER A 156 -6.09 6.65 25.14
CA SER A 156 -5.96 7.43 26.38
C SER A 156 -6.16 6.62 27.66
N LYS A 157 -6.96 5.59 27.70
CA LYS A 157 -6.98 4.83 28.90
C LYS A 157 -6.21 3.47 28.77
N GLY A 158 -4.88 3.54 28.58
CA GLY A 158 -3.96 2.41 28.63
C GLY A 158 -3.71 1.48 27.42
N ASP A 159 -4.81 0.92 26.85
CA ASP A 159 -4.78 -0.15 25.83
C ASP A 159 -5.11 0.14 24.36
N THR A 160 -5.18 -0.96 23.62
CA THR A 160 -5.28 -0.89 22.21
C THR A 160 -6.60 -1.57 21.72
N ILE A 161 -7.32 -0.81 20.89
CA ILE A 161 -8.52 -1.20 20.15
C ILE A 161 -8.15 -1.81 18.81
N ASP A 162 -8.52 -3.08 18.62
CA ASP A 162 -8.43 -3.73 17.31
C ASP A 162 -9.62 -3.31 16.41
N GLN A 163 -9.57 -2.12 15.76
CA GLN A 163 -10.71 -1.56 14.98
C GLN A 163 -11.27 -2.40 13.84
N LEU A 164 -10.38 -3.01 13.04
CA LEU A 164 -10.79 -3.75 11.86
C LEU A 164 -11.45 -5.02 12.29
N GLY A 165 -10.94 -5.60 13.37
CA GLY A 165 -11.56 -6.79 13.92
C GLY A 165 -12.99 -6.42 14.22
N ASP A 166 -13.18 -5.31 14.93
CA ASP A 166 -14.53 -4.94 15.33
C ASP A 166 -15.43 -4.62 14.17
N VAL A 167 -14.94 -3.91 13.16
CA VAL A 167 -15.73 -3.70 11.98
C VAL A 167 -16.00 -5.00 11.24
N ILE A 168 -15.13 -6.01 11.15
CA ILE A 168 -15.56 -7.27 10.52
C ILE A 168 -16.57 -7.98 11.43
N GLU A 169 -16.60 -7.76 12.77
CA GLU A 169 -17.68 -8.42 13.53
C GLU A 169 -18.97 -7.61 13.45
N GLN A 170 -18.98 -6.32 13.13
CA GLN A 170 -20.21 -5.59 12.87
C GLN A 170 -20.79 -5.97 11.54
N ILE A 171 -19.90 -6.25 10.54
CA ILE A 171 -20.36 -6.56 9.18
C ILE A 171 -21.25 -7.78 9.18
N LYS A 172 -20.83 -8.77 9.96
CA LYS A 172 -21.65 -9.97 10.16
C LYS A 172 -23.08 -9.68 10.73
N THR A 173 -23.19 -9.16 11.97
CA THR A 173 -24.40 -9.00 12.76
C THR A 173 -25.32 -7.86 12.30
N HIS A 174 -24.80 -6.66 12.39
CA HIS A 174 -25.41 -5.43 11.97
C HIS A 174 -25.13 -4.99 10.49
N PRO A 175 -25.10 -5.75 9.33
CA PRO A 175 -24.69 -5.29 7.97
C PRO A 175 -24.94 -3.85 7.48
N TYR A 176 -26.17 -3.45 7.31
CA TYR A 176 -26.58 -2.12 6.88
C TYR A 176 -26.14 -0.93 7.75
N SER A 177 -24.90 -0.73 8.25
CA SER A 177 -24.67 0.43 9.10
C SER A 177 -23.66 1.33 8.45
N ARG A 178 -24.03 2.55 8.72
CA ARG A 178 -23.37 3.67 8.18
C ARG A 178 -22.08 3.85 8.97
N ARG A 179 -21.91 3.13 10.05
CA ARG A 179 -20.67 3.22 10.77
C ARG A 179 -19.96 1.96 10.28
N LEU A 180 -18.86 1.97 9.52
CA LEU A 180 -18.10 0.75 9.22
C LEU A 180 -16.81 1.34 8.71
N ILE A 181 -16.06 1.91 9.65
CA ILE A 181 -14.91 2.72 9.30
C ILE A 181 -13.78 2.21 10.17
N VAL A 182 -12.63 2.44 9.56
CA VAL A 182 -11.32 2.22 10.12
C VAL A 182 -10.54 3.47 9.77
N SER A 183 -10.27 4.37 10.71
CA SER A 183 -9.48 5.55 10.39
C SER A 183 -8.05 5.15 10.60
N ALA A 184 -7.03 5.71 9.94
CA ALA A 184 -5.65 5.38 10.27
C ALA A 184 -4.92 6.61 10.79
N TRP A 185 -5.60 7.77 10.67
CA TRP A 185 -5.12 9.09 11.08
C TRP A 185 -5.52 9.38 12.52
N ASN A 186 -4.50 9.31 13.38
CA ASN A 186 -4.53 9.55 14.82
C ASN A 186 -3.81 10.91 14.99
N PRO A 187 -4.41 12.11 15.27
CA PRO A 187 -3.73 13.39 15.66
C PRO A 187 -2.56 13.46 16.67
N GLU A 188 -2.46 12.63 17.69
CA GLU A 188 -1.40 12.61 18.71
C GLU A 188 0.00 12.26 18.15
N ASP A 189 -0.24 11.53 17.08
CA ASP A 189 0.86 10.94 16.44
C ASP A 189 1.27 11.64 15.14
N VAL A 190 0.44 12.46 14.51
CA VAL A 190 0.91 13.02 13.23
C VAL A 190 1.77 14.28 13.28
N PRO A 191 1.86 15.22 14.23
CA PRO A 191 3.02 16.13 14.31
C PRO A 191 4.37 15.38 14.58
N THR A 192 4.74 14.29 13.84
CA THR A 192 5.83 13.36 14.15
C THR A 192 6.16 12.45 12.97
N MET A 193 5.51 11.30 12.75
CA MET A 193 5.84 10.31 11.72
C MET A 193 6.44 10.71 10.38
N ALA A 194 7.46 9.93 9.88
CA ALA A 194 8.11 10.12 8.58
C ALA A 194 7.09 10.30 7.48
N LEU A 195 6.25 9.26 7.35
CA LEU A 195 5.04 9.47 6.61
C LEU A 195 3.97 9.15 7.60
N PRO A 196 3.13 10.19 7.80
CA PRO A 196 1.70 10.07 8.10
C PRO A 196 1.00 9.05 7.19
N PRO A 197 -0.09 8.40 7.55
CA PRO A 197 -0.57 7.32 6.77
C PRO A 197 -1.09 7.92 5.47
N CYS A 198 -0.54 7.64 4.34
CA CYS A 198 -1.12 8.11 3.09
C CYS A 198 -2.54 7.53 2.85
N HIS A 199 -2.89 6.40 3.44
CA HIS A 199 -4.17 5.76 3.20
C HIS A 199 -4.95 6.03 4.46
N THR A 200 -5.56 7.20 4.52
CA THR A 200 -6.18 7.70 5.75
C THR A 200 -7.40 6.94 6.23
N LEU A 201 -8.50 7.01 5.49
CA LEU A 201 -9.75 6.55 6.04
C LEU A 201 -10.39 5.64 5.01
N TYR A 202 -11.04 4.51 5.42
CA TYR A 202 -11.84 3.66 4.51
C TYR A 202 -13.11 3.06 5.16
N GLN A 203 -14.30 3.41 4.71
CA GLN A 203 -15.53 2.86 5.25
C GLN A 203 -16.04 1.70 4.39
N PHE A 204 -16.85 0.77 4.86
CA PHE A 204 -17.33 -0.35 4.10
C PHE A 204 -18.84 -0.21 3.95
N TYR A 205 -19.44 -1.17 3.19
CA TYR A 205 -20.88 -1.14 2.98
C TYR A 205 -21.34 -2.48 2.48
N VAL A 206 -22.45 -3.01 2.99
CA VAL A 206 -23.18 -4.12 2.37
C VAL A 206 -24.43 -3.47 1.75
N ASN A 207 -25.31 -4.16 1.07
CA ASN A 207 -26.60 -3.66 0.52
C ASN A 207 -26.88 -4.82 -0.40
N ASP A 208 -28.00 -5.56 -0.50
CA ASP A 208 -28.09 -6.71 -1.45
C ASP A 208 -27.03 -7.89 -1.35
N GLY A 209 -26.26 -8.02 -0.27
CA GLY A 209 -25.34 -9.13 -0.10
C GLY A 209 -23.92 -8.96 -0.62
N LYS A 210 -23.47 -7.87 -1.24
CA LYS A 210 -22.12 -7.82 -1.73
C LYS A 210 -21.55 -6.55 -1.13
N LEU A 211 -20.32 -6.71 -0.68
CA LEU A 211 -19.67 -5.69 0.08
C LEU A 211 -18.94 -4.65 -0.74
N SER A 212 -19.28 -3.36 -0.74
CA SER A 212 -18.48 -2.29 -1.33
C SER A 212 -17.48 -1.79 -0.28
N LEU A 213 -16.50 -0.97 -0.65
CA LEU A 213 -15.54 -0.34 0.27
C LEU A 213 -15.20 0.99 -0.43
N GLN A 214 -14.76 1.99 0.28
CA GLN A 214 -14.43 3.27 -0.27
C GLN A 214 -13.20 3.73 0.47
N LEU A 215 -12.13 4.15 -0.20
CA LEU A 215 -10.98 4.60 0.53
C LEU A 215 -10.65 6.05 0.16
N TYR A 216 -10.54 6.98 1.10
CA TYR A 216 -10.04 8.33 0.96
C TYR A 216 -8.52 8.21 1.16
N GLN A 217 -7.75 8.38 0.12
CA GLN A 217 -6.34 8.38 0.21
C GLN A 217 -5.97 9.82 0.08
N ARG A 218 -5.18 10.31 1.04
CA ARG A 218 -4.90 11.73 1.09
C ARG A 218 -3.91 12.21 0.07
N SER A 219 -2.82 11.46 -0.14
CA SER A 219 -1.76 11.78 -1.09
C SER A 219 -1.50 10.44 -1.74
N ALA A 220 -1.58 10.55 -3.07
CA ALA A 220 -1.46 9.48 -4.04
C ALA A 220 -0.51 9.76 -5.22
N ASP A 221 0.59 9.01 -5.47
CA ASP A 221 1.29 9.17 -6.75
C ASP A 221 0.71 8.19 -7.75
N ILE A 222 0.15 8.96 -8.67
CA ILE A 222 -0.51 8.60 -9.91
C ILE A 222 0.18 7.46 -10.56
N PHE A 223 1.46 7.51 -10.69
CA PHE A 223 2.15 6.49 -11.37
C PHE A 223 2.63 5.26 -10.63
N LEU A 224 3.25 5.44 -9.48
CA LEU A 224 3.88 4.30 -8.85
C LEU A 224 3.03 3.84 -7.67
N GLY A 225 2.71 4.78 -6.80
CA GLY A 225 1.89 4.49 -5.65
C GLY A 225 0.47 4.10 -6.06
N VAL A 226 -0.24 4.68 -7.04
CA VAL A 226 -1.62 4.34 -7.25
C VAL A 226 -1.90 2.98 -7.83
N PRO A 227 -1.20 2.36 -8.81
CA PRO A 227 -1.22 0.91 -9.05
C PRO A 227 -1.29 -0.03 -7.84
N PHE A 228 -0.39 -0.07 -6.86
CA PHE A 228 -0.54 -0.96 -5.70
C PHE A 228 -1.81 -0.64 -4.89
N ASN A 229 -2.20 0.61 -4.76
CA ASN A 229 -3.27 0.99 -3.88
C ASN A 229 -4.64 0.50 -4.29
N ILE A 230 -4.96 0.57 -5.61
CA ILE A 230 -6.19 0.03 -6.13
C ILE A 230 -6.23 -1.45 -5.85
N ALA A 231 -5.17 -2.16 -6.17
CA ALA A 231 -5.13 -3.58 -5.97
C ALA A 231 -5.17 -4.01 -4.54
N SER A 232 -4.41 -3.48 -3.58
CA SER A 232 -4.42 -3.83 -2.16
C SER A 232 -5.79 -3.78 -1.51
N TYR A 233 -6.46 -2.64 -1.62
CA TYR A 233 -7.81 -2.41 -1.09
C TYR A 233 -8.77 -3.28 -1.85
N ALA A 234 -8.52 -3.61 -3.10
CA ALA A 234 -9.34 -4.57 -3.80
C ALA A 234 -9.12 -5.97 -3.20
N LEU A 235 -7.88 -6.35 -2.89
CA LEU A 235 -7.55 -7.59 -2.23
C LEU A 235 -8.11 -7.61 -0.84
N LEU A 236 -8.15 -6.45 -0.18
CA LEU A 236 -8.64 -6.35 1.19
C LEU A 236 -10.15 -6.57 1.25
N THR A 237 -10.89 -6.00 0.31
CA THR A 237 -12.29 -6.25 0.19
C THR A 237 -12.51 -7.76 -0.10
N HIS A 238 -11.72 -8.48 -0.91
CA HIS A 238 -12.12 -9.81 -1.33
C HIS A 238 -12.04 -10.76 -0.19
N LEU A 239 -10.98 -10.45 0.56
CA LEU A 239 -10.78 -11.09 1.81
C LEU A 239 -11.92 -10.73 2.76
N VAL A 240 -12.37 -9.51 3.12
CA VAL A 240 -13.49 -9.31 4.06
C VAL A 240 -14.74 -10.07 3.65
N ALA A 241 -15.17 -10.16 2.40
CA ALA A 241 -16.40 -10.83 2.01
C ALA A 241 -16.34 -12.34 2.10
N HIS A 242 -15.28 -12.99 1.64
CA HIS A 242 -15.07 -14.40 1.97
C HIS A 242 -15.17 -14.49 3.52
N GLU A 243 -14.72 -13.60 4.45
CA GLU A 243 -14.99 -13.83 5.89
C GLU A 243 -16.43 -13.64 6.30
N CYS A 244 -17.05 -12.53 5.94
CA CYS A 244 -18.38 -12.15 6.26
C CYS A 244 -19.40 -12.79 5.36
N GLY A 245 -18.98 -13.71 4.48
CA GLY A 245 -19.88 -14.48 3.60
C GLY A 245 -20.69 -13.69 2.53
N LEU A 246 -20.18 -12.49 2.24
CA LEU A 246 -20.76 -11.51 1.29
C LEU A 246 -20.17 -11.69 -0.16
N GLU A 247 -20.78 -11.18 -1.23
CA GLU A 247 -20.25 -11.21 -2.60
C GLU A 247 -19.36 -9.95 -2.80
N VAL A 248 -18.85 -9.57 -4.01
CA VAL A 248 -18.13 -8.30 -4.13
C VAL A 248 -18.84 -7.31 -5.03
N GLY A 249 -18.89 -6.14 -4.36
CA GLY A 249 -19.53 -4.94 -4.86
C GLY A 249 -18.45 -4.12 -5.50
N GLU A 250 -18.27 -2.97 -4.90
CA GLU A 250 -17.35 -2.05 -5.48
C GLU A 250 -16.22 -1.85 -4.58
N PHE A 251 -15.22 -1.31 -5.23
CA PHE A 251 -14.06 -0.77 -4.57
C PHE A 251 -14.07 0.60 -5.21
N ILE A 252 -14.24 1.62 -4.38
CA ILE A 252 -14.31 3.04 -4.72
C ILE A 252 -13.05 3.64 -4.05
N HIS A 253 -12.27 4.48 -4.74
CA HIS A 253 -10.99 4.96 -4.25
C HIS A 253 -10.87 6.48 -4.39
N THR A 254 -11.05 7.29 -3.34
CA THR A 254 -11.01 8.70 -3.42
C THR A 254 -9.74 9.31 -2.96
N PHE A 255 -9.57 10.47 -3.54
CA PHE A 255 -8.35 11.22 -3.48
C PHE A 255 -8.42 12.63 -2.93
N GLY A 256 -7.29 12.98 -2.36
CA GLY A 256 -6.99 14.34 -1.99
C GLY A 256 -6.06 14.72 -3.12
N ASP A 257 -4.78 14.76 -2.90
CA ASP A 257 -3.82 15.07 -3.91
C ASP A 257 -3.20 13.92 -4.73
N ALA A 258 -3.82 13.74 -5.87
CA ALA A 258 -3.38 12.75 -6.82
C ALA A 258 -2.44 13.60 -7.67
N HIS A 259 -1.18 13.13 -7.63
CA HIS A 259 -0.10 13.89 -8.22
C HIS A 259 0.92 13.06 -8.94
N LEU A 260 1.36 13.58 -10.05
CA LEU A 260 2.32 12.86 -10.84
C LEU A 260 3.69 13.49 -10.64
N TYR A 261 4.69 12.68 -10.81
CA TYR A 261 5.95 13.33 -10.67
C TYR A 261 6.38 13.66 -12.03
N VAL A 262 6.97 14.86 -12.11
CA VAL A 262 7.52 15.48 -13.32
C VAL A 262 8.63 14.57 -13.85
N ASN A 263 9.41 13.90 -12.99
CA ASN A 263 10.45 12.97 -13.40
C ASN A 263 9.87 11.63 -13.91
N HIS A 264 8.55 11.49 -14.07
CA HIS A 264 8.01 10.29 -14.69
C HIS A 264 6.60 10.52 -15.21
N LEU A 265 6.65 11.12 -16.42
CA LEU A 265 5.64 11.60 -17.43
C LEU A 265 5.92 11.27 -18.93
N ASP A 266 7.18 10.97 -19.32
CA ASP A 266 7.58 10.35 -20.60
C ASP A 266 7.05 8.91 -20.49
N GLN A 267 7.21 8.35 -19.26
CA GLN A 267 6.90 6.96 -18.83
C GLN A 267 5.41 6.68 -18.72
N ILE A 268 4.61 7.60 -18.17
CA ILE A 268 3.14 7.45 -18.12
C ILE A 268 2.66 7.54 -19.60
N LYS A 269 3.15 8.46 -20.45
CA LYS A 269 2.73 8.55 -21.83
C LYS A 269 3.00 7.24 -22.54
N GLU A 270 4.14 6.58 -22.28
CA GLU A 270 4.42 5.27 -22.87
C GLU A 270 3.35 4.26 -22.35
N GLN A 271 2.75 4.39 -21.16
CA GLN A 271 1.79 3.39 -20.71
C GLN A 271 0.47 3.55 -21.47
N LEU A 272 0.25 4.74 -21.93
CA LEU A 272 -0.94 5.03 -22.65
C LEU A 272 -0.72 4.67 -24.11
N SER A 273 0.42 4.11 -24.53
CA SER A 273 0.56 3.59 -25.91
C SER A 273 -0.07 2.17 -25.92
N ARG A 274 -0.59 1.73 -24.75
CA ARG A 274 -1.14 0.40 -24.65
C ARG A 274 -2.64 0.40 -24.36
N THR A 275 -3.34 -0.55 -24.93
CA THR A 275 -4.74 -0.73 -24.66
C THR A 275 -4.78 -1.74 -23.53
N PRO A 276 -5.58 -1.56 -22.53
CA PRO A 276 -5.89 -2.57 -21.54
C PRO A 276 -6.23 -3.93 -22.16
N ARG A 277 -5.81 -5.04 -21.53
CA ARG A 277 -6.22 -6.40 -21.93
C ARG A 277 -7.35 -6.90 -20.94
N PRO A 278 -7.98 -8.10 -21.04
CA PRO A 278 -8.80 -8.69 -20.03
C PRO A 278 -8.01 -8.86 -18.77
N ALA A 279 -8.83 -8.27 -17.89
CA ALA A 279 -8.62 -8.02 -16.51
C ALA A 279 -8.40 -9.33 -15.79
N PRO A 280 -7.62 -9.50 -14.71
CA PRO A 280 -7.33 -10.79 -14.06
C PRO A 280 -8.32 -11.25 -13.04
N THR A 281 -8.41 -12.53 -12.63
CA THR A 281 -9.35 -12.92 -11.56
C THR A 281 -8.78 -13.66 -10.36
N LEU A 282 -9.01 -13.18 -9.11
CA LEU A 282 -8.44 -13.85 -7.92
C LEU A 282 -9.27 -15.01 -7.31
N GLN A 283 -8.49 -15.80 -6.60
CA GLN A 283 -8.94 -17.03 -5.96
C GLN A 283 -8.64 -16.88 -4.47
N LEU A 284 -9.52 -17.32 -3.63
CA LEU A 284 -9.24 -17.43 -2.24
C LEU A 284 -9.81 -18.80 -1.85
N ASN A 285 -8.89 -19.58 -1.29
CA ASN A 285 -9.00 -20.96 -0.83
C ASN A 285 -10.29 -21.31 -0.05
N PRO A 286 -11.26 -22.24 -0.28
CA PRO A 286 -12.44 -22.44 0.61
C PRO A 286 -12.28 -22.94 2.02
N ASP A 287 -11.20 -23.68 2.21
CA ASP A 287 -10.93 -24.27 3.50
C ASP A 287 -10.37 -23.24 4.48
N LYS A 288 -10.27 -21.94 4.16
CA LYS A 288 -9.83 -20.91 5.11
C LYS A 288 -10.71 -19.70 4.98
N HIS A 289 -11.27 -19.69 6.18
CA HIS A 289 -12.28 -18.71 6.44
C HIS A 289 -11.69 -17.60 7.28
N ASP A 290 -11.20 -17.71 8.50
CA ASP A 290 -10.71 -16.56 9.25
C ASP A 290 -9.60 -15.86 8.41
N ILE A 291 -9.89 -14.70 7.79
CA ILE A 291 -8.96 -14.13 6.83
C ILE A 291 -7.56 -13.82 7.39
N PHE A 292 -7.57 -13.83 8.70
CA PHE A 292 -6.45 -13.59 9.51
C PHE A 292 -5.34 -14.61 9.41
N ASP A 293 -5.73 -15.79 8.96
CA ASP A 293 -4.75 -16.84 8.70
C ASP A 293 -3.98 -16.85 7.35
N PHE A 294 -4.59 -16.42 6.25
CA PHE A 294 -3.96 -16.59 4.91
C PHE A 294 -2.40 -16.37 4.74
N ASP A 295 -1.93 -17.43 4.15
CA ASP A 295 -0.59 -17.38 3.70
C ASP A 295 -0.94 -17.16 2.24
N MET A 296 0.19 -16.98 1.59
CA MET A 296 0.40 -16.78 0.16
C MET A 296 -0.27 -17.90 -0.67
N LYS A 297 -0.22 -19.14 -0.14
CA LYS A 297 -0.90 -20.30 -0.72
C LYS A 297 -2.44 -20.16 -0.44
N ASP A 298 -3.04 -19.05 0.02
CA ASP A 298 -4.46 -18.96 0.16
C ASP A 298 -4.98 -17.91 -0.85
N ILE A 299 -4.17 -17.02 -1.51
CA ILE A 299 -4.69 -16.11 -2.55
C ILE A 299 -3.94 -16.27 -3.87
N LYS A 300 -4.75 -16.73 -4.82
CA LYS A 300 -4.27 -16.91 -6.14
C LYS A 300 -4.89 -16.02 -7.19
N LEU A 301 -4.02 -15.35 -7.88
CA LEU A 301 -4.40 -14.45 -8.93
C LEU A 301 -4.41 -15.29 -10.18
N LEU A 302 -5.47 -15.41 -10.94
CA LEU A 302 -5.31 -16.07 -12.19
C LEU A 302 -5.53 -15.24 -13.46
N ASN A 303 -4.60 -15.51 -14.43
CA ASN A 303 -4.68 -15.16 -15.84
C ASN A 303 -4.49 -13.71 -16.08
N TYR A 304 -3.30 -13.37 -15.64
CA TYR A 304 -2.90 -11.99 -15.72
C TYR A 304 -1.93 -11.89 -16.91
N ASP A 305 -2.39 -11.38 -18.08
CA ASP A 305 -1.43 -11.23 -19.17
C ASP A 305 -1.20 -9.72 -19.22
N PRO A 306 -0.07 -9.25 -18.64
CA PRO A 306 0.39 -7.89 -18.76
C PRO A 306 1.36 -7.51 -19.88
N TYR A 307 1.28 -6.22 -20.12
CA TYR A 307 2.24 -5.47 -20.93
C TYR A 307 3.48 -5.31 -20.04
N PRO A 308 4.69 -5.45 -20.54
CA PRO A 308 5.93 -5.03 -19.91
C PRO A 308 6.03 -3.98 -18.79
N ALA A 309 6.85 -4.17 -17.74
CA ALA A 309 6.93 -3.20 -16.65
C ALA A 309 7.74 -1.95 -17.00
N ILE A 310 7.21 -0.78 -16.57
CA ILE A 310 7.72 0.60 -16.80
C ILE A 310 8.30 1.28 -15.50
N LYS A 311 9.63 1.47 -15.58
CA LYS A 311 10.46 1.90 -14.46
C LYS A 311 10.51 3.40 -14.22
N ALA A 312 10.33 3.66 -12.89
CA ALA A 312 10.39 5.05 -12.35
C ALA A 312 11.05 5.36 -10.98
N PRO A 313 11.76 6.50 -10.80
CA PRO A 313 12.66 6.76 -9.68
C PRO A 313 12.06 7.34 -8.37
N VAL A 314 12.10 6.49 -7.29
CA VAL A 314 11.72 6.87 -5.89
C VAL A 314 12.71 7.99 -5.49
N ALA A 315 12.14 9.22 -5.48
CA ALA A 315 12.81 10.41 -4.94
C ALA A 315 12.25 10.69 -3.53
N VAL A 316 11.32 9.77 -3.27
CA VAL A 316 10.18 9.79 -2.38
C VAL A 316 9.41 10.83 -3.27
#